data_6AWZ
#
_entry.id   6AWZ
#
_cell.length_a   59.869
_cell.length_b   91.096
_cell.length_c   55.079
_cell.angle_alpha   90.00
_cell.angle_beta   90.00
_cell.angle_gamma   90.00
#
_symmetry.space_group_name_H-M   'P 21 21 2'
#
loop_
_entity.id
_entity.type
_entity.pdbx_description
1 polymer 'Ara h 8 allergen'
2 non-polymer 'SODIUM ION'
3 non-polymer 'TETRAETHYLENE GLYCOL'
4 water water
#
_entity_poly.entity_id   1
_entity_poly.type   'polypeptide(L)'
_entity_poly.pdbx_seq_one_letter_code
;GVFTFEDEITSTVPPAKLYNAMKDADSITPKIIDDVKSVEIVEGNGGPGTIKKLTIVEDGETKFILHKVESIDEANYAYN
YSVVGGVALPPTAEKITFETKLVEGPNGGSIGKLTLKYHTKGDAKPDEEELKKGKAKGEGLFRAIEGYVLANPTQY
;
_entity_poly.pdbx_strand_id   A,B
#
loop_
_chem_comp.id
_chem_comp.type
_chem_comp.name
_chem_comp.formula
NA non-polymer 'SODIUM ION' 'Na 1'
PG4 non-polymer 'TETRAETHYLENE GLYCOL' 'C8 H18 O5'
#
# COMPACT_ATOMS: atom_id res chain seq x y z
N GLY A 1 -14.25 1.51 -5.90
CA GLY A 1 -13.75 2.00 -4.57
C GLY A 1 -12.29 2.43 -4.67
N VAL A 2 -11.72 2.81 -3.54
CA VAL A 2 -10.33 3.31 -3.47
C VAL A 2 -9.35 2.37 -2.74
N PHE A 3 -8.23 2.08 -3.42
CA PHE A 3 -7.17 1.20 -2.89
C PHE A 3 -5.84 1.92 -3.01
N THR A 4 -5.20 2.15 -1.86
CA THR A 4 -3.94 2.91 -1.81
C THR A 4 -2.73 2.04 -1.50
N PHE A 5 -1.62 2.39 -2.13
CA PHE A 5 -0.33 1.66 -1.97
C PHE A 5 0.75 2.67 -1.83
N GLU A 6 1.63 2.48 -0.86
CA GLU A 6 2.72 3.40 -0.64
C GLU A 6 4.08 2.72 -0.66
N ASP A 7 5.02 3.35 -1.36
CA ASP A 7 6.45 2.98 -1.33
C ASP A 7 7.34 4.09 -0.83
N GLU A 8 8.17 3.79 0.16
CA GLU A 8 9.23 4.70 0.54
C GLU A 8 10.44 4.53 -0.39
N ILE A 9 11.02 5.66 -0.75
CA ILE A 9 12.18 5.75 -1.63
C ILE A 9 13.16 6.82 -1.13
N THR A 10 14.40 6.70 -1.59
CA THR A 10 15.46 7.65 -1.24
C THR A 10 16.14 8.14 -2.50
N SER A 11 16.72 9.32 -2.39
CA SER A 11 17.54 9.89 -3.47
C SER A 11 18.67 10.69 -2.83
N THR A 12 19.83 10.67 -3.48
CA THR A 12 20.96 11.56 -3.16
C THR A 12 20.71 13.02 -3.59
N VAL A 13 19.69 13.24 -4.42
CA VAL A 13 19.33 14.61 -4.84
C VAL A 13 18.48 15.31 -3.75
N PRO A 14 18.78 16.58 -3.42
CA PRO A 14 17.94 17.29 -2.44
C PRO A 14 16.55 17.60 -3.00
N PRO A 15 15.54 17.69 -2.11
CA PRO A 15 14.13 17.64 -2.53
C PRO A 15 13.65 18.85 -3.33
N ALA A 16 14.21 20.03 -3.07
CA ALA A 16 13.94 21.20 -3.91
C ALA A 16 14.28 20.95 -5.40
N LYS A 17 15.45 20.42 -5.67
CA LYS A 17 15.82 20.13 -7.06
C LYS A 17 14.91 19.10 -7.73
N LEU A 18 14.59 18.03 -7.01
CA LEU A 18 13.73 16.97 -7.55
C LEU A 18 12.35 17.51 -7.79
N TYR A 19 11.88 18.36 -6.87
CA TYR A 19 10.57 18.93 -6.99
C TYR A 19 10.45 19.84 -8.21
N ASN A 20 11.47 20.67 -8.45
CA ASN A 20 11.45 21.53 -9.65
C ASN A 20 11.45 20.71 -10.91
N ALA A 21 12.27 19.68 -10.95
CA ALA A 21 12.31 18.76 -12.07
C ALA A 21 10.97 18.05 -12.31
N MET A 22 10.34 17.58 -11.24
CA MET A 22 9.01 17.02 -11.37
C MET A 22 7.97 17.95 -11.96
N LYS A 23 7.96 19.21 -11.51
CA LYS A 23 7.15 20.27 -12.11
C LYS A 23 7.42 20.54 -13.64
N ASP A 24 8.57 20.09 -14.16
CA ASP A 24 8.96 20.28 -15.56
C ASP A 24 8.94 18.96 -16.35
N ALA A 25 8.21 17.99 -15.83
CA ALA A 25 8.14 16.67 -16.44
C ALA A 25 7.64 16.70 -17.88
N ASP A 26 6.75 17.64 -18.21
CA ASP A 26 6.26 17.77 -19.60
C ASP A 26 7.42 17.97 -20.58
N SER A 27 8.34 18.83 -20.19
CA SER A 27 9.56 19.11 -20.93
C SER A 27 10.55 17.93 -20.90
N ILE A 28 10.79 17.37 -19.72
CA ILE A 28 11.86 16.39 -19.52
C ILE A 28 11.54 15.01 -20.08
N THR A 29 10.31 14.59 -19.87
CA THR A 29 9.90 13.21 -20.14
C THR A 29 10.10 12.80 -21.60
N PRO A 30 9.65 13.64 -22.55
CA PRO A 30 9.89 13.27 -23.94
C PRO A 30 11.37 13.15 -24.34
N LYS A 31 12.22 13.92 -23.70
CA LYS A 31 13.66 13.90 -23.99
C LYS A 31 14.34 12.62 -23.53
N ILE A 32 14.12 12.30 -22.27
CA ILE A 32 14.77 11.17 -21.62
C ILE A 32 14.10 9.77 -21.81
N ILE A 33 12.76 9.74 -21.92
CA ILE A 33 12.09 8.47 -22.21
C ILE A 33 11.88 8.38 -23.72
N ASP A 34 12.52 7.42 -24.34
CA ASP A 34 12.41 7.25 -25.79
C ASP A 34 11.00 7.09 -26.30
N ASP A 35 10.28 6.17 -25.68
CA ASP A 35 8.90 5.91 -26.03
C ASP A 35 7.92 7.05 -25.82
N VAL A 36 8.28 8.09 -25.06
CA VAL A 36 7.38 9.26 -24.89
C VAL A 36 7.75 10.24 -25.97
N LYS A 37 6.80 10.53 -26.88
CA LYS A 37 7.06 11.46 -27.97
C LYS A 37 6.68 12.89 -27.64
N SER A 38 5.61 13.09 -26.90
CA SER A 38 5.17 14.46 -26.64
C SER A 38 4.23 14.48 -25.48
N VAL A 39 4.12 15.66 -24.88
CA VAL A 39 3.16 15.99 -23.86
C VAL A 39 2.51 17.30 -24.27
N GLU A 40 1.19 17.27 -24.43
CA GLU A 40 0.40 18.41 -24.85
C GLU A 40 -0.68 18.68 -23.84
N ILE A 41 -0.86 19.95 -23.52
CA ILE A 41 -1.95 20.39 -22.66
C ILE A 41 -3.23 20.46 -23.48
N VAL A 42 -4.29 19.87 -22.96
CA VAL A 42 -5.61 19.96 -23.59
C VAL A 42 -6.41 21.11 -23.03
N GLU A 43 -6.43 21.25 -21.71
CA GLU A 43 -7.12 22.35 -21.03
C GLU A 43 -6.42 22.66 -19.70
N GLY A 44 -6.32 23.94 -19.37
CA GLY A 44 -5.78 24.42 -18.09
C GLY A 44 -4.47 25.17 -18.27
N ASN A 45 -3.97 25.73 -17.16
CA ASN A 45 -2.70 26.51 -17.17
C ASN A 45 -1.45 25.76 -16.75
N GLY A 46 -1.58 24.44 -16.60
CA GLY A 46 -0.50 23.63 -16.06
C GLY A 46 -0.69 23.26 -14.60
N GLY A 47 -1.50 24.02 -13.86
CA GLY A 47 -1.69 23.80 -12.40
C GLY A 47 -2.78 22.78 -12.11
N PRO A 48 -3.12 22.56 -10.82
CA PRO A 48 -4.12 21.53 -10.52
C PRO A 48 -5.40 21.64 -11.34
N GLY A 49 -5.89 20.51 -11.83
CA GLY A 49 -7.02 20.45 -12.78
C GLY A 49 -6.67 20.39 -14.26
N THR A 50 -5.42 20.73 -14.62
CA THR A 50 -4.99 20.74 -16.03
C THR A 50 -5.08 19.30 -16.55
N ILE A 51 -5.56 19.18 -17.79
CA ILE A 51 -5.62 17.90 -18.51
C ILE A 51 -4.58 17.84 -19.59
N LYS A 52 -3.82 16.76 -19.62
CA LYS A 52 -2.74 16.56 -20.60
C LYS A 52 -2.88 15.26 -21.38
N LYS A 53 -2.39 15.31 -22.63
CA LYS A 53 -2.36 14.13 -23.49
C LYS A 53 -0.92 13.82 -23.79
N LEU A 54 -0.51 12.62 -23.47
CA LEU A 54 0.82 12.12 -23.79
C LEU A 54 0.69 11.29 -25.02
N THR A 55 1.57 11.52 -25.96
CA THR A 55 1.73 10.59 -27.07
C THR A 55 2.95 9.70 -26.85
N ILE A 56 2.71 8.39 -26.86
CA ILE A 56 3.76 7.40 -26.70
C ILE A 56 3.75 6.41 -27.81
N VAL A 57 4.82 5.63 -27.85
CA VAL A 57 4.89 4.49 -28.70
C VAL A 57 4.90 3.26 -27.80
N GLU A 58 4.03 2.32 -28.12
CA GLU A 58 3.99 1.03 -27.47
C GLU A 58 4.05 -0.04 -28.55
N ASP A 59 4.97 -0.99 -28.40
CA ASP A 59 5.16 -2.10 -29.39
C ASP A 59 5.14 -1.59 -30.86
N GLY A 60 5.87 -0.50 -31.11
CA GLY A 60 5.94 0.16 -32.41
C GLY A 60 4.68 0.87 -32.88
N GLU A 61 3.72 1.04 -31.98
CA GLU A 61 2.44 1.66 -32.28
C GLU A 61 2.25 2.92 -31.45
N THR A 62 1.85 4.01 -32.09
CA THR A 62 1.49 5.26 -31.43
C THR A 62 0.22 5.08 -30.61
N LYS A 63 0.24 5.58 -29.38
CA LYS A 63 -0.87 5.47 -28.46
C LYS A 63 -0.96 6.73 -27.61
N PHE A 64 -2.10 6.95 -26.99
CA PHE A 64 -2.25 8.10 -26.12
C PHE A 64 -2.49 7.66 -24.67
N ILE A 65 -2.02 8.51 -23.75
CA ILE A 65 -2.30 8.44 -22.33
C ILE A 65 -2.81 9.82 -21.96
N LEU A 66 -3.87 9.84 -21.17
CA LEU A 66 -4.43 11.07 -20.63
C LEU A 66 -4.00 11.23 -19.16
N HIS A 67 -3.43 12.40 -18.80
CA HIS A 67 -3.16 12.78 -17.38
C HIS A 67 -4.01 13.98 -16.95
N LYS A 68 -4.25 14.04 -15.66
CA LYS A 68 -4.84 15.19 -15.01
C LYS A 68 -3.90 15.62 -13.88
N VAL A 69 -3.55 16.89 -13.86
CA VAL A 69 -2.76 17.40 -12.74
C VAL A 69 -3.67 17.48 -11.53
N GLU A 70 -3.27 16.88 -10.42
CA GLU A 70 -4.13 16.84 -9.25
C GLU A 70 -3.83 17.88 -8.19
N SER A 71 -2.57 18.02 -7.88
CA SER A 71 -2.14 18.82 -6.73
C SER A 71 -0.66 19.09 -6.87
N ILE A 72 -0.31 20.23 -6.29
CA ILE A 72 1.05 20.70 -6.20
C ILE A 72 1.14 21.39 -4.82
N ASP A 73 1.85 20.75 -3.86
CA ASP A 73 2.25 21.38 -2.56
C ASP A 73 3.80 21.65 -2.51
N GLU A 74 4.15 22.84 -3.02
CA GLU A 74 5.53 23.41 -3.01
C GLU A 74 6.14 23.29 -1.62
N ALA A 75 5.41 23.79 -0.63
CA ALA A 75 5.80 23.78 0.79
C ALA A 75 6.22 22.39 1.28
N ASN A 76 5.47 21.39 0.89
CA ASN A 76 5.72 19.99 1.26
C ASN A 76 6.41 19.14 0.18
N TYR A 77 6.91 19.76 -0.89
CA TYR A 77 7.58 19.04 -2.01
C TYR A 77 6.75 17.90 -2.57
N ALA A 78 5.57 18.25 -3.04
CA ALA A 78 4.56 17.29 -3.49
C ALA A 78 4.04 17.59 -4.89
N TYR A 79 4.04 16.58 -5.75
CA TYR A 79 3.44 16.67 -7.09
C TYR A 79 2.64 15.41 -7.34
N ASN A 80 1.39 15.63 -7.67
CA ASN A 80 0.41 14.57 -7.82
C ASN A 80 -0.26 14.67 -9.18
N TYR A 81 -0.38 13.53 -9.86
CA TYR A 81 -1.10 13.47 -11.13
C TYR A 81 -1.85 12.16 -11.28
N SER A 82 -2.84 12.13 -12.16
CA SER A 82 -3.62 10.90 -12.40
C SER A 82 -3.62 10.47 -13.85
N VAL A 83 -3.59 9.17 -14.11
CA VAL A 83 -3.96 8.56 -15.38
C VAL A 83 -5.46 8.39 -15.45
N VAL A 84 -6.05 8.98 -16.48
CA VAL A 84 -7.49 9.04 -16.70
C VAL A 84 -7.92 8.48 -18.06
N GLY A 85 -7.00 8.03 -18.88
CA GLY A 85 -7.41 7.45 -20.13
C GLY A 85 -6.24 6.89 -20.83
N GLY A 86 -6.49 6.01 -21.77
CA GLY A 86 -5.46 5.50 -22.63
C GLY A 86 -4.95 4.17 -22.15
N VAL A 87 -3.89 3.70 -22.76
CA VAL A 87 -3.41 2.34 -22.48
C VAL A 87 -2.85 2.09 -21.10
N ALA A 88 -2.43 3.15 -20.42
CA ALA A 88 -1.90 3.01 -19.08
C ALA A 88 -3.02 2.88 -18.07
N LEU A 89 -4.27 3.00 -18.51
CA LEU A 89 -5.40 2.84 -17.62
C LEU A 89 -6.04 1.46 -17.80
N PRO A 90 -6.01 0.62 -16.76
CA PRO A 90 -6.69 -0.67 -16.94
C PRO A 90 -8.20 -0.50 -17.11
N PRO A 91 -8.84 -1.42 -17.84
CA PRO A 91 -10.27 -1.30 -18.07
C PRO A 91 -11.10 -1.42 -16.77
N THR A 92 -10.58 -2.15 -15.78
CA THR A 92 -11.21 -2.23 -14.45
C THR A 92 -11.03 -0.99 -13.55
N ALA A 93 -10.24 -0.01 -13.98
CA ALA A 93 -9.93 1.20 -13.19
C ALA A 93 -10.62 2.43 -13.74
N GLU A 94 -11.21 3.26 -12.86
CA GLU A 94 -11.73 4.61 -13.25
C GLU A 94 -10.57 5.54 -13.50
N LYS A 95 -9.61 5.47 -12.58
CA LYS A 95 -8.37 6.24 -12.66
C LYS A 95 -7.31 5.70 -11.69
N ILE A 96 -6.06 6.02 -11.95
CA ILE A 96 -4.97 5.71 -11.05
C ILE A 96 -4.25 7.01 -10.70
N THR A 97 -4.12 7.30 -9.42
CA THR A 97 -3.44 8.53 -9.04
C THR A 97 -2.01 8.18 -8.59
N PHE A 98 -1.05 9.01 -8.99
CA PHE A 98 0.40 8.87 -8.67
C PHE A 98 0.84 10.12 -7.91
N GLU A 99 1.08 9.96 -6.62
CA GLU A 99 1.56 11.05 -5.77
C GLU A 99 3.01 10.83 -5.43
N THR A 100 3.72 11.92 -5.35
CA THR A 100 5.09 11.95 -4.96
C THR A 100 5.25 13.06 -3.94
N LYS A 101 5.82 12.74 -2.78
CA LYS A 101 6.03 13.65 -1.66
C LYS A 101 7.44 13.41 -1.10
N LEU A 102 8.23 14.48 -0.99
CA LEU A 102 9.65 14.40 -0.58
C LEU A 102 9.89 15.18 0.70
N VAL A 103 10.80 14.69 1.53
CA VAL A 103 11.34 15.40 2.67
C VAL A 103 12.88 15.34 2.58
N GLU A 104 13.52 16.20 3.36
CA GLU A 104 14.98 16.22 3.45
C GLU A 104 15.50 14.91 3.99
N GLY A 105 16.50 14.37 3.34
CA GLY A 105 17.16 13.14 3.76
C GLY A 105 18.52 13.50 4.36
N PRO A 106 19.18 12.53 5.05
CA PRO A 106 20.55 12.79 5.51
C PRO A 106 21.52 13.08 4.35
N ASN A 107 22.50 13.91 4.68
CA ASN A 107 23.58 14.28 3.76
C ASN A 107 23.10 14.88 2.46
N GLY A 108 22.11 15.76 2.55
CA GLY A 108 21.67 16.58 1.43
C GLY A 108 20.73 15.94 0.40
N GLY A 109 20.34 14.70 0.63
CA GLY A 109 19.44 14.00 -0.28
C GLY A 109 17.96 14.16 0.09
N SER A 110 17.17 13.20 -0.39
CA SER A 110 15.75 13.16 -0.15
C SER A 110 15.26 11.81 0.35
N ILE A 111 14.20 11.85 1.14
CA ILE A 111 13.41 10.68 1.49
C ILE A 111 12.04 10.92 0.85
N GLY A 112 11.59 9.92 0.09
CA GLY A 112 10.41 10.01 -0.76
C GLY A 112 9.32 9.03 -0.32
N LYS A 113 8.10 9.43 -0.61
CA LYS A 113 6.99 8.50 -0.58
C LYS A 113 6.22 8.57 -1.90
N LEU A 114 6.09 7.43 -2.57
CA LEU A 114 5.31 7.31 -3.78
C LEU A 114 4.03 6.60 -3.45
N THR A 115 2.91 7.19 -3.85
CA THR A 115 1.58 6.66 -3.56
C THR A 115 0.85 6.41 -4.84
N LEU A 116 0.24 5.24 -4.92
CA LEU A 116 -0.69 4.85 -5.99
C LEU A 116 -2.05 4.74 -5.37
N LYS A 117 -3.04 5.44 -5.90
CA LYS A 117 -4.44 5.25 -5.50
C LYS A 117 -5.19 4.74 -6.71
N TYR A 118 -5.76 3.54 -6.60
CA TYR A 118 -6.56 2.97 -7.69
C TYR A 118 -7.96 3.20 -7.35
N HIS A 119 -8.66 3.95 -8.19
CA HIS A 119 -10.11 4.05 -8.11
C HIS A 119 -10.67 3.00 -9.05
N THR A 120 -11.30 2.00 -8.46
CA THR A 120 -11.89 0.92 -9.23
C THR A 120 -13.34 1.25 -9.56
N LYS A 121 -13.84 0.56 -10.55
CA LYS A 121 -15.22 0.72 -11.00
C LYS A 121 -16.19 0.10 -10.04
N GLY A 122 -16.08 -1.20 -9.82
CA GLY A 122 -16.96 -1.83 -8.84
C GLY A 122 -16.23 -2.15 -7.55
N ASP A 123 -16.66 -3.24 -6.93
CA ASP A 123 -15.95 -3.82 -5.77
C ASP A 123 -14.66 -4.48 -6.24
N ALA A 124 -14.59 -4.77 -7.54
CA ALA A 124 -13.36 -5.19 -8.19
C ALA A 124 -12.15 -4.43 -7.58
N LYS A 125 -11.05 -5.17 -7.41
CA LYS A 125 -9.85 -4.73 -6.69
C LYS A 125 -8.70 -4.74 -7.69
N PRO A 126 -7.60 -4.02 -7.45
CA PRO A 126 -6.54 -4.07 -8.46
C PRO A 126 -5.89 -5.42 -8.39
N ASP A 127 -5.63 -6.10 -9.49
CA ASP A 127 -4.92 -7.38 -9.43
C ASP A 127 -3.39 -7.19 -9.33
N GLU A 128 -2.66 -8.30 -9.15
CA GLU A 128 -1.21 -8.20 -8.93
C GLU A 128 -0.42 -7.65 -10.12
N GLU A 129 -0.77 -8.09 -11.31
CA GLU A 129 -0.05 -7.67 -12.51
C GLU A 129 -0.24 -6.16 -12.77
N GLU A 130 -1.46 -5.68 -12.57
CA GLU A 130 -1.78 -4.27 -12.74
C GLU A 130 -1.11 -3.37 -11.69
N LEU A 131 -0.99 -3.86 -10.45
CA LEU A 131 -0.24 -3.17 -9.42
C LEU A 131 1.23 -3.09 -9.79
N LYS A 132 1.79 -4.15 -10.34
CA LYS A 132 3.18 -4.14 -10.81
C LYS A 132 3.36 -3.04 -11.79
N LYS A 133 2.44 -2.96 -12.74
CA LYS A 133 2.60 -2.02 -13.84
C LYS A 133 2.49 -0.60 -13.35
N GLY A 134 1.56 -0.38 -12.44
CA GLY A 134 1.39 0.93 -11.80
C GLY A 134 2.63 1.37 -11.04
N LYS A 135 3.25 0.45 -10.31
CA LYS A 135 4.44 0.76 -9.53
C LYS A 135 5.60 1.02 -10.43
N ALA A 136 5.70 0.29 -11.52
CA ALA A 136 6.76 0.52 -12.50
C ALA A 136 6.59 1.86 -13.18
N LYS A 137 5.36 2.25 -13.47
CA LYS A 137 5.12 3.58 -14.04
C LYS A 137 5.50 4.66 -13.05
N GLY A 138 5.06 4.49 -11.81
CA GLY A 138 5.29 5.51 -10.78
C GLY A 138 6.76 5.61 -10.40
N GLU A 139 7.36 4.51 -10.08
CA GLU A 139 8.72 4.63 -9.71
C GLU A 139 9.60 4.95 -10.92
N GLY A 140 9.26 4.40 -12.07
CA GLY A 140 10.06 4.60 -13.33
C GLY A 140 10.16 6.09 -13.68
N LEU A 141 9.06 6.81 -13.51
CA LEU A 141 9.11 8.20 -13.84
C LEU A 141 9.98 8.89 -12.82
N PHE A 142 9.76 8.59 -11.53
CA PHE A 142 10.53 9.26 -10.46
C PHE A 142 12.05 9.07 -10.73
N ARG A 143 12.45 7.83 -11.01
CA ARG A 143 13.84 7.56 -11.29
C ARG A 143 14.34 8.23 -12.56
N ALA A 144 13.49 8.32 -13.59
CA ALA A 144 13.86 9.04 -14.81
C ALA A 144 14.14 10.51 -14.60
N ILE A 145 13.25 11.16 -13.89
CA ILE A 145 13.43 12.54 -13.53
C ILE A 145 14.64 12.73 -12.68
N GLU A 146 14.79 11.85 -11.70
CA GLU A 146 15.99 11.83 -10.85
C GLU A 146 17.26 11.76 -11.67
N GLY A 147 17.28 10.82 -12.59
CA GLY A 147 18.44 10.68 -13.46
C GLY A 147 18.75 11.93 -14.27
N TYR A 148 17.71 12.59 -14.76
CA TYR A 148 17.91 13.85 -15.48
C TYR A 148 18.58 14.90 -14.59
N VAL A 149 18.12 14.99 -13.35
CA VAL A 149 18.69 15.96 -12.43
C VAL A 149 20.17 15.59 -12.08
N LEU A 150 20.46 14.31 -11.84
CA LEU A 150 21.86 13.84 -11.64
C LEU A 150 22.76 14.18 -12.82
N ALA A 151 22.23 14.14 -14.05
CA ALA A 151 22.98 14.54 -15.25
C ALA A 151 23.00 16.05 -15.49
N ASN A 152 22.13 16.84 -14.88
CA ASN A 152 22.04 18.30 -15.17
C ASN A 152 21.87 19.05 -13.84
N PRO A 153 22.84 18.94 -12.95
CA PRO A 153 22.67 19.31 -11.55
C PRO A 153 22.44 20.83 -11.32
N THR A 154 23.05 21.64 -12.15
CA THR A 154 22.87 23.10 -12.09
C THR A 154 21.51 23.60 -12.66
N GLN A 155 20.79 22.75 -13.40
CA GLN A 155 19.57 23.20 -14.04
C GLN A 155 18.42 23.37 -13.05
N TYR A 156 18.37 22.55 -12.01
CA TYR A 156 17.24 22.67 -11.03
C TYR A 156 17.64 23.17 -9.63
N GLY B 1 12.54 0.85 5.25
CA GLY B 1 11.45 1.75 4.83
C GLY B 1 10.11 1.05 4.95
N VAL B 2 9.07 1.83 4.73
CA VAL B 2 7.71 1.36 4.90
C VAL B 2 7.04 1.24 3.52
N PHE B 3 6.39 0.11 3.36
CA PHE B 3 5.60 -0.26 2.17
C PHE B 3 4.21 -0.71 2.60
N THR B 4 3.17 0.01 2.11
CA THR B 4 1.78 -0.28 2.51
C THR B 4 0.92 -0.74 1.39
N PHE B 5 -0.02 -1.64 1.73
CA PHE B 5 -0.94 -2.25 0.75
C PHE B 5 -2.35 -2.32 1.34
N GLU B 6 -3.38 -1.95 0.56
CA GLU B 6 -4.74 -2.02 1.02
C GLU B 6 -5.50 -3.12 0.28
N ASP B 7 -6.43 -3.74 0.99
CA ASP B 7 -7.38 -4.65 0.37
C ASP B 7 -8.71 -4.48 1.09
N GLU B 8 -9.79 -4.95 0.46
CA GLU B 8 -11.12 -4.99 1.08
C GLU B 8 -11.74 -6.39 0.89
N ILE B 9 -12.38 -6.86 1.96
CA ILE B 9 -13.10 -8.16 1.98
C ILE B 9 -14.52 -7.95 2.49
N THR B 10 -15.48 -8.42 1.71
CA THR B 10 -16.86 -8.29 2.08
C THR B 10 -17.23 -9.49 2.92
N SER B 11 -18.15 -9.26 3.85
CA SER B 11 -18.64 -10.30 4.71
C SER B 11 -20.15 -10.08 4.93
N THR B 12 -20.88 -11.19 4.99
CA THR B 12 -22.29 -11.19 5.37
C THR B 12 -22.45 -10.96 6.84
N VAL B 13 -21.35 -11.04 7.60
CA VAL B 13 -21.45 -10.84 9.04
C VAL B 13 -21.51 -9.33 9.36
N PRO B 14 -22.46 -8.88 10.20
CA PRO B 14 -22.44 -7.48 10.60
C PRO B 14 -21.22 -7.13 11.46
N PRO B 15 -20.77 -5.87 11.39
CA PRO B 15 -19.45 -5.48 11.90
C PRO B 15 -19.31 -5.53 13.40
N ALA B 16 -20.38 -5.29 14.15
CA ALA B 16 -20.31 -5.50 15.60
C ALA B 16 -19.95 -6.98 16.01
N LYS B 17 -20.59 -7.97 15.41
CA LYS B 17 -20.27 -9.37 15.70
C LYS B 17 -18.86 -9.71 15.33
N LEU B 18 -18.47 -9.25 14.14
CA LEU B 18 -17.17 -9.59 13.59
C LEU B 18 -16.07 -8.94 14.41
N TYR B 19 -16.33 -7.70 14.87
CA TYR B 19 -15.40 -6.97 15.69
C TYR B 19 -15.20 -7.68 17.03
N ASN B 20 -16.28 -8.19 17.62
CA ASN B 20 -16.14 -8.93 18.89
C ASN B 20 -15.29 -10.16 18.67
N ALA B 21 -15.56 -10.88 17.61
CA ALA B 21 -14.74 -12.05 17.29
C ALA B 21 -13.28 -11.67 17.08
N MET B 22 -13.01 -10.57 16.36
CA MET B 22 -11.61 -10.16 16.19
C MET B 22 -10.90 -9.89 17.49
N LYS B 23 -11.58 -9.23 18.42
CA LYS B 23 -11.07 -9.03 19.77
C LYS B 23 -10.85 -10.31 20.60
N ASP B 24 -11.42 -11.43 20.18
CA ASP B 24 -11.30 -12.73 20.86
C ASP B 24 -10.41 -13.70 20.04
N ALA B 25 -9.60 -13.14 19.15
CA ALA B 25 -8.73 -13.96 18.32
C ALA B 25 -7.83 -14.87 19.14
N ASP B 26 -7.39 -14.41 20.30
CA ASP B 26 -6.49 -15.22 21.16
C ASP B 26 -7.17 -16.59 21.50
N SER B 27 -8.46 -16.54 21.81
CA SER B 27 -9.29 -17.74 22.05
C SER B 27 -9.61 -18.52 20.75
N ILE B 28 -9.97 -17.81 19.69
CA ILE B 28 -10.43 -18.47 18.45
C ILE B 28 -9.33 -19.12 17.64
N THR B 29 -8.20 -18.46 17.54
CA THR B 29 -7.15 -18.91 16.56
C THR B 29 -6.55 -20.27 16.88
N PRO B 30 -6.29 -20.57 18.19
CA PRO B 30 -5.86 -21.94 18.49
C PRO B 30 -6.86 -23.04 18.15
N LYS B 31 -8.15 -22.73 18.22
CA LYS B 31 -9.19 -23.71 17.85
C LYS B 31 -9.23 -24.02 16.36
N ILE B 32 -9.31 -22.97 15.56
CA ILE B 32 -9.55 -23.03 14.09
C ILE B 32 -8.26 -23.29 13.27
N ILE B 33 -7.12 -22.75 13.71
CA ILE B 33 -5.86 -22.95 13.02
C ILE B 33 -5.14 -24.12 13.72
N ASP B 34 -5.00 -25.20 13.02
CA ASP B 34 -4.46 -26.38 13.61
C ASP B 34 -3.06 -26.18 14.16
N ASP B 35 -2.21 -25.57 13.34
CA ASP B 35 -0.82 -25.30 13.69
C ASP B 35 -0.64 -24.35 14.85
N VAL B 36 -1.66 -23.53 15.18
CA VAL B 36 -1.54 -22.62 16.33
C VAL B 36 -1.96 -23.42 17.55
N LYS B 37 -1.06 -23.60 18.50
CA LYS B 37 -1.38 -24.35 19.75
C LYS B 37 -1.86 -23.45 20.90
N SER B 38 -1.34 -22.23 21.00
CA SER B 38 -1.71 -21.37 22.11
C SER B 38 -1.30 -19.95 21.83
N VAL B 39 -1.96 -19.03 22.53
CA VAL B 39 -1.66 -17.63 22.53
C VAL B 39 -1.56 -17.21 23.98
N GLU B 40 -0.40 -16.68 24.35
CA GLU B 40 -0.12 -16.24 25.71
C GLU B 40 0.35 -14.82 25.74
N ILE B 41 -0.14 -14.05 26.69
CA ILE B 41 0.31 -12.67 26.88
C ILE B 41 1.67 -12.68 27.63
N VAL B 42 2.65 -11.92 27.13
CA VAL B 42 3.93 -11.78 27.80
C VAL B 42 3.95 -10.53 28.67
N GLU B 43 3.46 -9.41 28.16
CA GLU B 43 3.45 -8.11 28.87
C GLU B 43 2.23 -7.34 28.42
N GLY B 44 1.52 -6.72 29.37
CA GLY B 44 0.38 -5.82 29.10
C GLY B 44 -1.00 -6.33 29.55
N ASN B 45 -2.01 -5.48 29.38
CA ASN B 45 -3.41 -5.82 29.71
C ASN B 45 -4.31 -6.31 28.54
N GLY B 46 -3.71 -6.58 27.39
CA GLY B 46 -4.47 -6.96 26.20
C GLY B 46 -4.66 -5.83 25.22
N GLY B 47 -4.55 -4.59 25.69
CA GLY B 47 -4.79 -3.42 24.85
C GLY B 47 -3.54 -2.98 24.11
N PRO B 48 -3.59 -1.80 23.47
CA PRO B 48 -2.43 -1.40 22.69
C PRO B 48 -1.14 -1.41 23.50
N GLY B 49 -0.08 -1.91 22.88
CA GLY B 49 1.23 -2.14 23.56
C GLY B 49 1.46 -3.56 24.11
N THR B 50 0.38 -4.33 24.24
CA THR B 50 0.51 -5.69 24.74
C THR B 50 1.38 -6.51 23.75
N ILE B 51 2.26 -7.31 24.33
CA ILE B 51 3.09 -8.30 23.62
C ILE B 51 2.59 -9.73 23.85
N LYS B 52 2.37 -10.46 22.78
CA LYS B 52 1.88 -11.86 22.83
C LYS B 52 2.81 -12.83 22.13
N LYS B 53 2.83 -14.05 22.65
CA LYS B 53 3.62 -15.14 22.10
C LYS B 53 2.63 -16.18 21.62
N LEU B 54 2.67 -16.46 20.32
CA LEU B 54 1.91 -17.55 19.76
C LEU B 54 2.82 -18.76 19.72
N THR B 55 2.38 -19.86 20.23
CA THR B 55 3.10 -21.14 20.03
C THR B 55 2.47 -21.90 18.90
N ILE B 56 3.28 -22.21 17.90
CA ILE B 56 2.84 -22.91 16.71
C ILE B 56 3.69 -24.15 16.46
N VAL B 57 3.19 -24.99 15.56
CA VAL B 57 4.01 -26.06 14.97
C VAL B 57 4.27 -25.66 13.52
N GLU B 58 5.53 -25.71 13.14
CA GLU B 58 5.93 -25.52 11.75
C GLU B 58 6.71 -26.75 11.32
N ASP B 59 6.30 -27.35 10.19
CA ASP B 59 6.91 -28.58 9.61
C ASP B 59 7.51 -29.55 10.66
N GLY B 60 6.61 -29.97 11.54
CA GLY B 60 6.90 -30.88 12.63
C GLY B 60 7.74 -30.38 13.79
N GLU B 61 7.93 -29.06 13.92
CA GLU B 61 8.62 -28.47 15.10
C GLU B 61 7.85 -27.32 15.75
N THR B 62 7.89 -27.29 17.09
CA THR B 62 7.32 -26.21 17.88
C THR B 62 8.13 -24.94 17.69
N LYS B 63 7.45 -23.81 17.50
CA LYS B 63 8.09 -22.51 17.29
C LYS B 63 7.25 -21.40 17.87
N PHE B 64 7.77 -20.20 17.87
CA PHE B 64 6.95 -19.07 18.26
C PHE B 64 6.96 -17.91 17.30
N ILE B 65 5.90 -17.14 17.45
CA ILE B 65 5.67 -15.87 16.81
C ILE B 65 5.26 -14.87 17.89
N LEU B 66 5.82 -13.68 17.80
CA LEU B 66 5.51 -12.59 18.68
C LEU B 66 4.67 -11.57 18.00
N HIS B 67 3.58 -11.21 18.67
CA HIS B 67 2.72 -10.12 18.20
C HIS B 67 2.76 -8.99 19.19
N LYS B 68 2.56 -7.79 18.66
CA LYS B 68 2.38 -6.60 19.46
C LYS B 68 1.05 -5.98 19.10
N VAL B 69 0.21 -5.75 20.09
CA VAL B 69 -1.05 -5.10 19.86
C VAL B 69 -0.74 -3.63 19.57
N GLU B 70 -1.19 -3.15 18.43
CA GLU B 70 -0.88 -1.78 18.02
C GLU B 70 -1.97 -0.75 18.36
N SER B 71 -3.18 -1.14 18.12
CA SER B 71 -4.31 -0.23 18.25
C SER B 71 -5.59 -1.10 18.26
N ILE B 72 -6.54 -0.55 19.02
CA ILE B 72 -7.90 -1.07 19.15
C ILE B 72 -8.81 0.18 19.20
N ASP B 73 -9.60 0.40 18.14
CA ASP B 73 -10.57 1.49 18.09
C ASP B 73 -12.01 0.92 18.05
N GLU B 74 -12.59 0.79 19.26
CA GLU B 74 -13.99 0.40 19.49
C GLU B 74 -14.93 1.20 18.58
N ALA B 75 -14.79 2.51 18.67
CA ALA B 75 -15.59 3.52 17.93
C ALA B 75 -15.57 3.26 16.42
N ASN B 76 -14.40 2.92 15.90
CA ASN B 76 -14.20 2.62 14.48
C ASN B 76 -14.05 1.11 14.06
N TYR B 77 -14.35 0.18 14.99
CA TYR B 77 -14.30 -1.29 14.70
C TYR B 77 -12.95 -1.73 14.10
N ALA B 78 -11.89 -1.39 14.81
CA ALA B 78 -10.52 -1.57 14.34
C ALA B 78 -9.68 -2.41 15.30
N TYR B 79 -8.93 -3.36 14.74
CA TYR B 79 -7.95 -4.12 15.49
C TYR B 79 -6.67 -4.27 14.65
N ASN B 80 -5.59 -3.75 15.20
CA ASN B 80 -4.30 -3.67 14.53
C ASN B 80 -3.25 -4.37 15.34
N TYR B 81 -2.46 -5.23 14.70
CA TYR B 81 -1.37 -5.92 15.40
C TYR B 81 -0.15 -6.08 14.49
N SER B 82 1.00 -6.24 15.07
CA SER B 82 2.22 -6.45 14.29
C SER B 82 2.98 -7.74 14.64
N VAL B 83 3.58 -8.38 13.65
CA VAL B 83 4.57 -9.45 13.88
C VAL B 83 5.87 -8.74 14.17
N VAL B 84 6.42 -8.99 15.37
CA VAL B 84 7.64 -8.36 15.87
C VAL B 84 8.73 -9.35 16.19
N GLY B 85 8.52 -10.63 15.95
CA GLY B 85 9.57 -11.59 16.24
C GLY B 85 9.09 -12.96 15.99
N GLY B 86 10.02 -13.88 15.97
CA GLY B 86 9.75 -15.29 15.70
C GLY B 86 9.80 -15.62 14.25
N VAL B 87 9.38 -16.83 13.90
CA VAL B 87 9.59 -17.33 12.53
C VAL B 87 8.83 -16.60 11.45
N ALA B 88 7.77 -15.92 11.80
CA ALA B 88 6.93 -15.25 10.83
C ALA B 88 7.51 -13.90 10.50
N LEU B 89 8.55 -13.48 11.20
CA LEU B 89 9.20 -12.21 10.84
C LEU B 89 10.44 -12.50 10.02
N PRO B 90 10.46 -12.05 8.78
CA PRO B 90 11.69 -12.37 8.03
C PRO B 90 12.89 -11.59 8.61
N PRO B 91 14.10 -12.15 8.46
CA PRO B 91 15.29 -11.48 9.02
C PRO B 91 15.59 -10.11 8.36
N THR B 92 15.18 -9.96 7.11
CA THR B 92 15.26 -8.66 6.42
C THR B 92 14.18 -7.62 6.82
N ALA B 93 13.23 -8.00 7.67
CA ALA B 93 12.08 -7.14 8.03
C ALA B 93 12.21 -6.68 9.46
N GLU B 94 11.93 -5.40 9.71
CA GLU B 94 11.87 -4.85 11.09
C GLU B 94 10.58 -5.35 11.74
N LYS B 95 9.51 -5.26 10.97
CA LYS B 95 8.21 -5.71 11.39
C LYS B 95 7.16 -5.63 10.30
N ILE B 96 6.09 -6.36 10.54
CA ILE B 96 5.01 -6.41 9.60
C ILE B 96 3.70 -6.17 10.35
N THR B 97 2.98 -5.12 9.94
CA THR B 97 1.77 -4.74 10.63
C THR B 97 0.55 -5.13 9.80
N PHE B 98 -0.44 -5.65 10.51
CA PHE B 98 -1.71 -6.06 9.97
C PHE B 98 -2.83 -5.25 10.61
N GLU B 99 -3.45 -4.38 9.82
CA GLU B 99 -4.58 -3.61 10.28
C GLU B 99 -5.86 -4.13 9.66
N THR B 100 -6.89 -4.12 10.47
CA THR B 100 -8.24 -4.43 10.08
C THR B 100 -9.17 -3.38 10.64
N LYS B 101 -9.99 -2.80 9.76
CA LYS B 101 -11.02 -1.81 10.11
C LYS B 101 -12.34 -2.28 9.45
N LEU B 102 -13.45 -2.28 10.19
CA LEU B 102 -14.71 -2.77 9.61
C LEU B 102 -15.62 -1.58 9.44
N VAL B 103 -16.30 -1.56 8.28
CA VAL B 103 -17.37 -0.62 8.00
C VAL B 103 -18.60 -1.41 7.55
N GLU B 104 -19.73 -0.70 7.52
CA GLU B 104 -21.02 -1.26 7.12
C GLU B 104 -20.93 -1.71 5.69
N GLY B 105 -21.48 -2.88 5.44
CA GLY B 105 -21.59 -3.44 4.10
C GLY B 105 -23.06 -3.51 3.64
N PRO B 106 -23.26 -3.89 2.36
CA PRO B 106 -24.62 -4.06 1.85
C PRO B 106 -25.31 -5.23 2.51
N ASN B 107 -26.62 -5.10 2.68
CA ASN B 107 -27.49 -6.14 3.25
C ASN B 107 -27.19 -6.46 4.75
N GLY B 108 -26.75 -5.44 5.49
CA GLY B 108 -26.36 -5.62 6.90
C GLY B 108 -25.01 -6.35 7.15
N GLY B 109 -24.29 -6.64 6.08
CA GLY B 109 -22.97 -7.28 6.19
C GLY B 109 -21.91 -6.26 6.58
N SER B 110 -20.65 -6.62 6.33
CA SER B 110 -19.50 -5.76 6.68
C SER B 110 -18.55 -5.74 5.55
N ILE B 111 -17.81 -4.65 5.48
CA ILE B 111 -16.62 -4.57 4.65
C ILE B 111 -15.42 -4.38 5.58
N GLY B 112 -14.44 -5.27 5.42
CA GLY B 112 -13.21 -5.21 6.17
C GLY B 112 -12.14 -4.64 5.28
N LYS B 113 -11.58 -3.52 5.72
CA LYS B 113 -10.52 -2.82 5.03
C LYS B 113 -9.22 -3.27 5.68
N LEU B 114 -8.43 -3.98 4.93
CA LEU B 114 -7.18 -4.56 5.43
C LEU B 114 -6.08 -3.65 4.94
N THR B 115 -5.11 -3.41 5.81
CA THR B 115 -3.87 -2.75 5.41
C THR B 115 -2.68 -3.58 5.93
N LEU B 116 -1.73 -3.79 5.03
CA LEU B 116 -0.46 -4.43 5.38
C LEU B 116 0.58 -3.38 5.29
N LYS B 117 1.38 -3.21 6.35
CA LYS B 117 2.52 -2.34 6.33
C LYS B 117 3.77 -3.16 6.62
N TYR B 118 4.65 -3.19 5.65
CA TYR B 118 5.85 -3.96 5.72
C TYR B 118 6.99 -3.01 5.91
N HIS B 119 7.68 -3.18 7.04
CA HIS B 119 8.82 -2.37 7.40
C HIS B 119 10.09 -3.13 7.15
N THR B 120 10.87 -2.63 6.21
CA THR B 120 12.17 -3.22 5.89
C THR B 120 13.28 -2.53 6.69
N LYS B 121 14.38 -3.24 6.76
CA LYS B 121 15.60 -2.70 7.35
C LYS B 121 16.31 -2.00 6.23
N GLY B 122 16.66 -0.75 6.47
CA GLY B 122 17.43 0.02 5.52
C GLY B 122 16.62 0.53 4.34
N ASP B 123 17.25 0.51 3.19
CA ASP B 123 16.73 0.97 1.90
C ASP B 123 16.11 -0.16 1.04
N ALA B 124 16.12 -1.39 1.54
CA ALA B 124 15.52 -2.53 0.80
C ALA B 124 14.03 -2.44 0.45
N LYS B 125 13.70 -3.01 -0.71
CA LYS B 125 12.29 -3.31 -1.01
C LYS B 125 11.92 -4.64 -0.33
N PRO B 126 10.62 -4.89 -0.05
CA PRO B 126 10.29 -6.14 0.54
C PRO B 126 10.59 -7.33 -0.32
N ASP B 127 11.05 -8.37 0.37
CA ASP B 127 11.15 -9.72 -0.17
C ASP B 127 9.79 -10.08 -0.77
N GLU B 128 9.75 -10.37 -2.07
CA GLU B 128 8.49 -10.59 -2.79
C GLU B 128 7.72 -11.81 -2.27
N GLU B 129 8.44 -12.90 -1.95
CA GLU B 129 7.83 -14.10 -1.35
C GLU B 129 7.23 -13.74 0.04
N GLU B 130 7.95 -12.96 0.83
CA GLU B 130 7.47 -12.52 2.16
C GLU B 130 6.23 -11.59 2.09
N LEU B 131 6.17 -10.71 1.11
CA LEU B 131 4.98 -9.91 0.85
C LEU B 131 3.79 -10.73 0.49
N LYS B 132 3.99 -11.70 -0.40
CA LYS B 132 2.93 -12.57 -0.80
C LYS B 132 2.36 -13.30 0.41
N LYS B 133 3.25 -13.82 1.26
CA LYS B 133 2.81 -14.57 2.46
C LYS B 133 2.10 -13.66 3.46
N GLY B 134 2.61 -12.45 3.64
CA GLY B 134 1.93 -11.43 4.44
C GLY B 134 0.52 -11.11 3.99
N LYS B 135 0.33 -10.94 2.68
CA LYS B 135 -1.01 -10.61 2.18
C LYS B 135 -1.97 -11.79 2.34
N ALA B 136 -1.46 -12.99 2.17
CA ALA B 136 -2.23 -14.20 2.44
C ALA B 136 -2.58 -14.32 3.93
N LYS B 137 -1.65 -13.97 4.80
CA LYS B 137 -1.87 -14.06 6.21
C LYS B 137 -2.97 -13.07 6.59
N GLY B 138 -2.93 -11.87 6.05
CA GLY B 138 -3.92 -10.85 6.40
C GLY B 138 -5.33 -11.27 5.96
N GLU B 139 -5.44 -11.69 4.73
CA GLU B 139 -6.71 -12.16 4.22
C GLU B 139 -7.16 -13.42 5.00
N GLY B 140 -6.20 -14.29 5.25
CA GLY B 140 -6.48 -15.63 5.85
C GLY B 140 -7.04 -15.50 7.23
N LEU B 141 -6.49 -14.58 8.04
CA LEU B 141 -6.90 -14.46 9.42
C LEU B 141 -8.31 -13.90 9.39
N PHE B 142 -8.56 -12.87 8.55
CA PHE B 142 -9.89 -12.27 8.49
C PHE B 142 -10.97 -13.35 8.13
N ARG B 143 -10.70 -14.13 7.09
CA ARG B 143 -11.62 -15.18 6.72
C ARG B 143 -11.76 -16.27 7.77
N ALA B 144 -10.68 -16.59 8.47
CA ALA B 144 -10.76 -17.58 9.55
C ALA B 144 -11.68 -17.15 10.65
N ILE B 145 -11.51 -15.91 11.11
CA ILE B 145 -12.33 -15.36 12.18
C ILE B 145 -13.75 -15.29 11.70
N GLU B 146 -13.92 -14.78 10.49
CA GLU B 146 -15.25 -14.71 9.85
C GLU B 146 -15.95 -16.05 9.81
N GLY B 147 -15.22 -17.06 9.37
CA GLY B 147 -15.78 -18.40 9.32
C GLY B 147 -16.19 -18.95 10.69
N TYR B 148 -15.36 -18.71 11.71
CA TYR B 148 -15.72 -19.11 13.04
C TYR B 148 -17.08 -18.47 13.49
N VAL B 149 -17.26 -17.18 13.19
CA VAL B 149 -18.49 -16.48 13.57
C VAL B 149 -19.70 -17.08 12.82
N LEU B 150 -19.55 -17.37 11.53
CA LEU B 150 -20.63 -17.97 10.74
C LEU B 150 -20.99 -19.34 11.26
N ALA B 151 -19.98 -20.12 11.68
CA ALA B 151 -20.21 -21.46 12.19
C ALA B 151 -20.79 -21.48 13.61
N ASN B 152 -20.65 -20.37 14.36
CA ASN B 152 -21.06 -20.31 15.77
C ASN B 152 -21.89 -19.02 16.00
N PRO B 153 -23.07 -18.93 15.36
CA PRO B 153 -23.88 -17.71 15.27
C PRO B 153 -24.32 -17.10 16.64
N THR B 154 -24.66 -17.98 17.57
CA THR B 154 -25.09 -17.53 18.91
C THR B 154 -23.95 -16.90 19.74
N GLN B 155 -22.70 -17.26 19.43
CA GLN B 155 -21.56 -16.86 20.26
C GLN B 155 -21.20 -15.35 20.19
N TYR B 156 -21.32 -14.70 19.03
CA TYR B 156 -20.98 -13.25 18.95
C TYR B 156 -22.19 -12.43 18.51
NA NA C . 11.00 10.40 -26.47
NA NA D . -4.82 -25.27 16.93
O1 PG4 E . 1.03 -20.89 10.43
C1 PG4 E . 0.90 -19.45 10.53
C2 PG4 E . 0.18 -19.14 11.85
O2 PG4 E . -0.45 -17.83 11.80
C3 PG4 E . -1.52 -17.69 12.72
C4 PG4 E . -2.73 -17.06 12.07
O3 PG4 E . -2.97 -17.60 10.76
C5 PG4 E . -4.36 -17.48 10.42
C6 PG4 E . -4.55 -17.28 8.94
O4 PG4 E . -4.35 -18.53 8.25
C7 PG4 E . -4.16 -18.27 6.84
C8 PG4 E . -3.48 -19.46 6.20
O5 PG4 E . -2.52 -19.01 5.23
#